data_4PWK
#
_entry.id   4PWK
#
_cell.length_a   43.736
_cell.length_b   85.217
_cell.length_c   64.648
_cell.angle_alpha   90.00
_cell.angle_beta   90.00
_cell.angle_gamma   90.00
#
_symmetry.space_group_name_H-M   'P 21 21 2'
#
loop_
_entity.id
_entity.type
_entity.pdbx_description
1 polymer Transthyretin
2 non-polymer "4,4'-[(2R,3R)-2,3-dimethylbutane-1,4-diyl]bis(2-methoxyphenol)"
3 water water
#
_entity_poly.entity_id   1
_entity_poly.type   'polypeptide(L)'
_entity_poly.pdbx_seq_one_letter_code
;MRGSHHHHHHGSMASHRLLLLCLAGLVFVSEAGPTGTGESKCPLMVKVLDAVRGSPAINVAMHVFRKAADDTWEPFASGK
TSESGELHGLTTEEEFVEGIYKVEIDTKSYWKALGISPFHEHAEVVFTANDSGPRRYTIAALLSPYSYSTTAVVTNPKE
;
_entity_poly.pdbx_strand_id   A,B
#
loop_
_chem_comp.id
_chem_comp.type
_chem_comp.name
_chem_comp.formula
PWK non-polymer 4,4'-[(2R,3R)-2,3-dimethylbutane-1,4-diyl]bis(2-methoxyphenol) 'C20 H26 O4'
#
# COMPACT_ATOMS: atom_id res chain seq x y z
N CYS A 42 21.51 -10.52 -0.09
CA CYS A 42 20.26 -11.16 -0.53
C CYS A 42 19.55 -10.34 -1.60
N PRO A 43 18.68 -11.00 -2.38
CA PRO A 43 17.90 -10.37 -3.45
C PRO A 43 16.71 -9.52 -2.97
N LEU A 44 16.30 -9.68 -1.72
CA LEU A 44 15.13 -8.96 -1.23
C LEU A 44 15.34 -8.55 0.21
N MET A 45 15.32 -7.23 0.47
CA MET A 45 15.52 -6.70 1.81
C MET A 45 14.46 -5.65 2.06
N VAL A 46 14.02 -5.53 3.31
CA VAL A 46 13.02 -4.53 3.67
C VAL A 46 13.57 -3.72 4.83
N LYS A 47 13.43 -2.40 4.74
CA LYS A 47 13.90 -1.46 5.76
C LYS A 47 12.73 -0.55 6.16
N VAL A 48 12.50 -0.41 7.47
CA VAL A 48 11.31 0.32 7.96
C VAL A 48 11.78 1.32 8.99
N LEU A 49 11.38 2.58 8.81
CA LEU A 49 11.66 3.64 9.75
C LEU A 49 10.38 4.21 10.38
N ASP A 50 10.52 4.73 11.60
CA ASP A 50 9.41 5.36 12.34
C ASP A 50 9.61 6.88 12.37
N ALA A 51 8.69 7.61 11.74
CA ALA A 51 8.72 9.06 11.65
C ALA A 51 8.27 9.83 12.93
N VAL A 52 7.67 9.12 13.90
CA VAL A 52 7.19 9.73 15.15
C VAL A 52 8.32 9.70 16.17
N ARG A 53 9.06 8.61 16.18
CA ARG A 53 10.08 8.45 17.18
C ARG A 53 11.50 8.74 16.67
N GLY A 54 11.65 8.87 15.35
CA GLY A 54 12.97 9.17 14.74
C GLY A 54 13.88 7.97 14.92
N SER A 55 13.33 6.80 14.64
CA SER A 55 14.11 5.59 14.91
C SER A 55 13.82 4.54 13.85
N PRO A 56 14.69 3.50 13.74
CA PRO A 56 14.17 2.33 13.01
C PRO A 56 12.89 1.80 13.63
N ALA A 57 12.06 1.13 12.82
CA ALA A 57 10.84 0.49 13.32
C ALA A 57 11.20 -0.96 13.60
N ILE A 58 11.35 -1.29 14.89
CA ILE A 58 11.89 -2.58 15.33
C ILE A 58 10.75 -3.58 15.57
N ASN A 59 11.01 -4.86 15.29
CA ASN A 59 10.03 -5.92 15.53
C ASN A 59 8.74 -5.76 14.73
N VAL A 60 8.84 -5.22 13.52
CA VAL A 60 7.67 -5.13 12.65
C VAL A 60 7.56 -6.44 11.89
N ALA A 61 6.43 -7.11 12.05
CA ALA A 61 6.19 -8.36 11.32
C ALA A 61 5.82 -8.07 9.86
N MET A 62 6.24 -8.96 8.96
CA MET A 62 5.78 -8.87 7.58
C MET A 62 5.76 -10.24 6.95
N HIS A 63 4.86 -10.38 5.97
CA HIS A 63 4.69 -11.62 5.23
C HIS A 63 4.83 -11.33 3.75
N VAL A 64 5.56 -12.20 3.08
CA VAL A 64 5.76 -12.06 1.65
C VAL A 64 5.01 -13.19 0.94
N PHE A 65 4.32 -12.84 -0.16
CA PHE A 65 3.52 -13.77 -0.95
C PHE A 65 3.95 -13.67 -2.42
N ARG A 66 3.72 -14.75 -3.15
CA ARG A 66 3.98 -14.80 -4.59
C ARG A 66 2.73 -15.27 -5.30
N LYS A 67 2.40 -14.63 -6.42
CA LYS A 67 1.19 -15.00 -7.11
C LYS A 67 1.38 -16.31 -7.89
N ALA A 68 0.50 -17.26 -7.61
CA ALA A 68 0.59 -18.57 -8.25
C ALA A 68 -0.10 -18.56 -9.59
N ALA A 69 0.12 -19.63 -10.36
CA ALA A 69 -0.46 -19.84 -11.69
C ALA A 69 -1.97 -19.61 -11.71
N ASP A 70 -2.65 -20.05 -10.66
CA ASP A 70 -4.11 -19.92 -10.54
C ASP A 70 -4.56 -18.58 -9.94
N ASP A 71 -3.64 -17.61 -9.86
CA ASP A 71 -3.98 -16.25 -9.39
C ASP A 71 -4.20 -16.09 -7.88
N THR A 72 -3.89 -17.10 -7.09
CA THR A 72 -3.98 -16.95 -5.63
C THR A 72 -2.60 -16.50 -5.11
N TRP A 73 -2.59 -15.85 -3.94
CA TRP A 73 -1.35 -15.50 -3.22
C TRP A 73 -0.79 -16.64 -2.39
N GLU A 74 0.33 -17.21 -2.81
CA GLU A 74 0.97 -18.26 -2.03
C GLU A 74 1.97 -17.67 -1.05
N PRO A 75 2.01 -18.17 0.20
CA PRO A 75 3.02 -17.69 1.15
C PRO A 75 4.41 -17.98 0.62
N PHE A 76 5.34 -17.04 0.77
CA PHE A 76 6.69 -17.13 0.18
C PHE A 76 7.77 -17.04 1.28
N ALA A 77 7.61 -16.08 2.21
CA ALA A 77 8.55 -15.86 3.30
C ALA A 77 7.95 -14.93 4.32
N SER A 78 8.51 -14.93 5.53
CA SER A 78 8.07 -13.97 6.54
C SER A 78 9.18 -13.74 7.54
N GLY A 79 9.03 -12.68 8.34
CA GLY A 79 10.05 -12.35 9.32
C GLY A 79 9.67 -11.06 10.03
N LYS A 80 10.55 -10.59 10.90
CA LYS A 80 10.34 -9.30 11.53
C LYS A 80 11.60 -8.47 11.51
N THR A 81 11.44 -7.15 11.56
CA THR A 81 12.60 -6.29 11.47
C THR A 81 13.44 -6.37 12.72
N SER A 82 14.76 -6.23 12.50
CA SER A 82 15.73 -6.24 13.58
C SER A 82 15.79 -4.88 14.28
N GLU A 83 16.76 -4.77 15.20
CA GLU A 83 16.99 -3.51 15.89
C GLU A 83 17.35 -2.37 14.95
N SER A 84 17.85 -2.69 13.76
CA SER A 84 18.17 -1.64 12.78
C SER A 84 17.01 -1.36 11.83
N GLY A 85 15.85 -1.96 12.11
CA GLY A 85 14.66 -1.78 11.26
C GLY A 85 14.72 -2.55 9.95
N GLU A 86 15.60 -3.54 9.85
CA GLU A 86 15.86 -4.26 8.60
C GLU A 86 15.44 -5.73 8.71
N LEU A 87 14.98 -6.26 7.59
CA LEU A 87 14.71 -7.68 7.46
C LEU A 87 15.48 -8.21 6.26
N HIS A 88 16.43 -9.10 6.56
CA HIS A 88 17.35 -9.71 5.62
C HIS A 88 17.04 -11.20 5.53
N GLY A 89 17.54 -11.87 4.48
CA GLY A 89 17.52 -13.35 4.42
C GLY A 89 16.18 -13.96 4.14
N LEU A 90 15.29 -13.21 3.48
CA LEU A 90 13.99 -13.73 3.15
C LEU A 90 14.03 -14.79 2.06
N THR A 91 14.99 -14.70 1.14
CA THR A 91 14.99 -15.60 -0.01
C THR A 91 16.38 -15.71 -0.60
N THR A 92 16.51 -16.47 -1.69
CA THR A 92 17.79 -16.64 -2.36
C THR A 92 17.64 -16.31 -3.82
N GLU A 93 18.75 -16.06 -4.50
CA GLU A 93 18.67 -15.74 -5.94
C GLU A 93 18.01 -16.85 -6.75
N GLU A 94 18.23 -18.10 -6.37
CA GLU A 94 17.67 -19.21 -7.11
C GLU A 94 16.17 -19.36 -6.84
N GLU A 95 15.77 -19.19 -5.59
CA GLU A 95 14.35 -19.29 -5.24
C GLU A 95 13.51 -18.10 -5.74
N PHE A 96 14.14 -16.94 -5.82
CA PHE A 96 13.43 -15.68 -6.14
C PHE A 96 13.28 -15.50 -7.63
N VAL A 97 12.44 -16.32 -8.25
CA VAL A 97 12.24 -16.37 -9.69
C VAL A 97 11.35 -15.19 -10.14
N GLU A 98 11.19 -14.98 -11.44
CA GLU A 98 10.19 -13.98 -11.91
C GLU A 98 8.81 -14.23 -11.33
N GLY A 99 8.08 -13.16 -11.06
CA GLY A 99 6.71 -13.32 -10.63
C GLY A 99 6.22 -12.04 -10.04
N ILE A 100 4.97 -12.06 -9.58
CA ILE A 100 4.38 -10.91 -8.88
C ILE A 100 4.42 -11.23 -7.38
N TYR A 101 5.00 -10.32 -6.62
CA TYR A 101 5.21 -10.54 -5.18
C TYR A 101 4.47 -9.48 -4.41
N LYS A 102 4.08 -9.83 -3.18
CA LYS A 102 3.36 -8.92 -2.30
C LYS A 102 4.06 -8.97 -0.95
N VAL A 103 4.45 -7.80 -0.44
CA VAL A 103 5.02 -7.71 0.92
C VAL A 103 3.94 -7.02 1.75
N GLU A 104 3.45 -7.69 2.78
CA GLU A 104 2.43 -7.16 3.65
C GLU A 104 3.10 -6.83 4.97
N ILE A 105 3.14 -5.54 5.33
CA ILE A 105 3.86 -5.12 6.53
C ILE A 105 2.86 -4.82 7.62
N ASP A 106 2.99 -5.45 8.80
CA ASP A 106 1.95 -5.31 9.82
C ASP A 106 2.17 -4.04 10.64
N THR A 107 1.82 -2.91 10.04
CA THR A 107 2.03 -1.64 10.70
C THR A 107 1.06 -1.40 11.86
N LYS A 108 -0.16 -1.95 11.78
CA LYS A 108 -1.12 -1.73 12.85
C LYS A 108 -0.63 -2.28 14.19
N SER A 109 -0.08 -3.50 14.20
CA SER A 109 0.37 -4.10 15.46
C SER A 109 1.51 -3.31 16.04
N TYR A 110 2.37 -2.82 15.15
CA TYR A 110 3.50 -1.95 15.53
C TYR A 110 3.03 -0.73 16.31
N TRP A 111 2.08 0.01 15.73
CA TRP A 111 1.58 1.22 16.37
C TRP A 111 0.80 0.88 17.66
N LYS A 112 0.00 -0.19 17.61
CA LYS A 112 -0.84 -0.60 18.76
C LYS A 112 0.05 -0.89 19.97
N ALA A 113 1.19 -1.53 19.72
CA ALA A 113 2.12 -1.87 20.82
C ALA A 113 2.75 -0.63 21.43
N LEU A 114 2.69 0.49 20.72
CA LEU A 114 3.19 1.77 21.23
C LEU A 114 2.06 2.65 21.79
N GLY A 115 0.86 2.10 21.86
CA GLY A 115 -0.31 2.80 22.43
C GLY A 115 -1.15 3.59 21.44
N ILE A 116 -0.77 3.50 20.15
CA ILE A 116 -1.37 4.30 19.08
C ILE A 116 -2.36 3.49 18.23
N SER A 117 -3.50 4.10 17.93
CA SER A 117 -4.48 3.48 17.05
C SER A 117 -4.32 4.10 15.67
N PRO A 118 -3.65 3.38 14.75
CA PRO A 118 -3.31 4.03 13.48
C PRO A 118 -4.41 3.93 12.43
N PHE A 119 -4.21 4.58 11.30
CA PHE A 119 -5.22 4.55 10.24
C PHE A 119 -5.20 3.22 9.49
N HIS A 120 -4.02 2.80 9.04
CA HIS A 120 -3.92 1.65 8.14
C HIS A 120 -3.92 0.31 8.87
N GLU A 121 -4.53 -0.71 8.26
CA GLU A 121 -4.44 -2.08 8.82
C GLU A 121 -3.06 -2.69 8.64
N HIS A 122 -2.49 -2.40 7.47
CA HIS A 122 -1.14 -2.81 7.11
C HIS A 122 -0.66 -1.97 5.93
N ALA A 123 0.60 -2.12 5.56
CA ALA A 123 1.13 -1.47 4.37
C ALA A 123 1.48 -2.60 3.42
N GLU A 124 1.16 -2.40 2.14
CA GLU A 124 1.30 -3.43 1.14
C GLU A 124 2.26 -2.88 0.08
N VAL A 125 3.10 -3.76 -0.44
CA VAL A 125 3.89 -3.41 -1.60
C VAL A 125 3.72 -4.58 -2.58
N VAL A 126 3.17 -4.31 -3.77
CA VAL A 126 2.96 -5.37 -4.77
C VAL A 126 3.71 -5.03 -6.05
N PHE A 127 4.56 -5.94 -6.53
CA PHE A 127 5.43 -5.63 -7.67
C PHE A 127 5.80 -6.87 -8.46
N THR A 128 6.11 -6.69 -9.74
CA THR A 128 6.70 -7.75 -10.55
C THR A 128 8.21 -7.68 -10.33
N ALA A 129 8.79 -8.84 -10.01
CA ALA A 129 10.21 -8.97 -9.78
C ALA A 129 10.85 -9.80 -10.90
N ASN A 130 12.08 -9.40 -11.24
CA ASN A 130 12.99 -10.14 -12.13
C ASN A 130 12.52 -10.36 -13.57
N ASP A 131 11.60 -9.51 -14.02
CA ASP A 131 11.02 -9.56 -15.36
C ASP A 131 12.08 -9.43 -16.47
N SER A 132 13.18 -8.75 -16.19
CA SER A 132 14.26 -8.58 -17.16
C SER A 132 15.56 -9.20 -16.69
N GLY A 133 15.46 -10.30 -15.94
CA GLY A 133 16.62 -10.93 -15.34
C GLY A 133 16.71 -10.59 -13.86
N PRO A 134 17.59 -11.28 -13.12
CA PRO A 134 17.63 -11.05 -11.67
C PRO A 134 18.05 -9.63 -11.30
N ARG A 135 17.36 -9.07 -10.29
CA ARG A 135 17.73 -7.80 -9.71
C ARG A 135 17.73 -7.98 -8.19
N ARG A 136 18.31 -7.03 -7.47
CA ARG A 136 18.24 -7.00 -6.02
C ARG A 136 17.27 -5.89 -5.65
N TYR A 137 16.42 -6.14 -4.67
CA TYR A 137 15.32 -5.22 -4.35
C TYR A 137 15.43 -4.82 -2.90
N THR A 138 15.45 -3.52 -2.64
CA THR A 138 15.28 -3.04 -1.28
C THR A 138 13.95 -2.33 -1.21
N ILE A 139 13.09 -2.77 -0.32
CA ILE A 139 11.82 -2.10 -0.15
C ILE A 139 11.99 -1.24 1.10
N ALA A 140 11.77 0.08 1.00
CA ALA A 140 11.93 0.96 2.17
C ALA A 140 10.59 1.56 2.52
N ALA A 141 10.25 1.61 3.79
CA ALA A 141 8.97 2.21 4.23
C ALA A 141 9.23 3.17 5.37
N LEU A 142 8.56 4.31 5.33
CA LEU A 142 8.55 5.27 6.43
C LEU A 142 7.14 5.34 7.01
N LEU A 143 7.03 5.16 8.32
CA LEU A 143 5.72 4.99 8.97
C LEU A 143 5.35 6.14 9.90
N SER A 144 4.11 6.65 9.74
CA SER A 144 3.45 7.49 10.75
C SER A 144 2.07 6.91 11.03
N PRO A 145 1.43 7.32 12.13
CA PRO A 145 0.14 6.72 12.42
C PRO A 145 -0.91 6.87 11.32
N TYR A 146 -0.96 8.03 10.68
CA TYR A 146 -1.92 8.23 9.61
C TYR A 146 -1.35 8.31 8.22
N SER A 147 -0.10 7.87 8.04
CA SER A 147 0.50 7.98 6.75
C SER A 147 1.59 6.95 6.59
N TYR A 148 1.78 6.50 5.36
CA TYR A 148 2.99 5.73 5.12
C TYR A 148 3.47 5.93 3.72
N SER A 149 4.78 5.76 3.57
CA SER A 149 5.37 6.03 2.29
C SER A 149 6.30 4.87 2.01
N THR A 150 6.32 4.44 0.78
CA THR A 150 7.17 3.31 0.43
C THR A 150 7.91 3.60 -0.85
N THR A 151 9.18 3.16 -0.93
CA THR A 151 9.93 3.31 -2.16
C THR A 151 10.74 2.04 -2.41
N ALA A 152 11.25 1.87 -3.63
CA ALA A 152 12.05 0.67 -3.95
C ALA A 152 13.37 1.11 -4.54
N VAL A 153 14.43 0.42 -4.16
CA VAL A 153 15.75 0.57 -4.76
C VAL A 153 16.00 -0.75 -5.49
N VAL A 154 16.20 -0.66 -6.80
CA VAL A 154 16.35 -1.83 -7.61
C VAL A 154 17.74 -1.73 -8.21
N THR A 155 18.56 -2.75 -7.98
CA THR A 155 19.94 -2.73 -8.44
C THR A 155 20.26 -4.00 -9.23
N ASN A 156 21.09 -3.83 -10.26
CA ASN A 156 21.44 -4.92 -11.12
C ASN A 156 22.68 -5.62 -10.57
N PRO A 157 22.49 -6.88 -10.14
CA PRO A 157 23.48 -7.69 -9.43
C PRO A 157 24.94 -7.37 -9.76
N CYS B 42 -19.66 13.45 0.69
CA CYS B 42 -19.44 11.99 0.81
C CYS B 42 -18.61 11.73 2.07
N PRO B 43 -18.80 10.58 2.71
CA PRO B 43 -17.93 10.18 3.81
C PRO B 43 -16.53 9.73 3.36
N LEU B 44 -16.35 9.53 2.06
CA LEU B 44 -15.09 8.98 1.55
C LEU B 44 -14.70 9.61 0.24
N MET B 45 -13.51 10.24 0.23
CA MET B 45 -12.97 10.88 -0.96
C MET B 45 -11.52 10.46 -1.16
N VAL B 46 -11.12 10.26 -2.41
CA VAL B 46 -9.72 9.90 -2.69
C VAL B 46 -9.14 10.94 -3.62
N LYS B 47 -7.91 11.38 -3.31
CA LYS B 47 -7.22 12.38 -4.12
C LYS B 47 -5.86 11.82 -4.53
N VAL B 48 -5.57 11.88 -5.81
CA VAL B 48 -4.30 11.31 -6.34
C VAL B 48 -3.47 12.37 -7.06
N LEU B 49 -2.18 12.43 -6.70
CA LEU B 49 -1.28 13.46 -7.21
C LEU B 49 -0.07 12.81 -7.84
N ASP B 50 0.49 13.49 -8.82
CA ASP B 50 1.64 12.97 -9.59
C ASP B 50 2.88 13.78 -9.17
N ALA B 51 3.86 13.10 -8.56
CA ALA B 51 5.08 13.75 -8.08
C ALA B 51 6.20 14.01 -9.12
N VAL B 52 6.04 13.46 -10.32
CA VAL B 52 6.93 13.68 -11.44
C VAL B 52 6.56 14.97 -12.17
N ARG B 53 5.25 15.17 -12.33
CA ARG B 53 4.75 16.28 -13.11
C ARG B 53 4.17 17.42 -12.28
N GLY B 54 3.96 17.20 -10.98
CA GLY B 54 3.45 18.28 -10.10
C GLY B 54 2.01 18.64 -10.43
N SER B 55 1.22 17.60 -10.60
CA SER B 55 -0.15 17.76 -11.06
C SER B 55 -1.09 16.74 -10.42
N PRO B 56 -2.40 17.01 -10.52
CA PRO B 56 -3.34 15.96 -10.20
C PRO B 56 -3.10 14.78 -11.13
N ALA B 57 -3.31 13.59 -10.61
CA ALA B 57 -3.20 12.40 -11.45
C ALA B 57 -4.62 12.12 -11.92
N ILE B 58 -4.86 12.39 -13.21
CA ILE B 58 -6.21 12.34 -13.81
C ILE B 58 -6.50 10.98 -14.45
N ASN B 59 -7.80 10.60 -14.43
CA ASN B 59 -8.24 9.34 -15.04
C ASN B 59 -7.60 8.11 -14.41
N VAL B 60 -7.32 8.18 -13.12
CA VAL B 60 -6.77 7.02 -12.42
C VAL B 60 -7.92 6.17 -11.88
N ALA B 61 -7.94 4.91 -12.29
CA ALA B 61 -8.98 3.99 -11.89
C ALA B 61 -8.72 3.43 -10.48
N MET B 62 -9.78 3.29 -9.71
CA MET B 62 -9.67 2.60 -8.45
C MET B 62 -10.94 1.85 -8.09
N HIS B 63 -10.77 0.79 -7.30
CA HIS B 63 -11.87 0.01 -6.76
C HIS B 63 -11.84 0.02 -5.25
N VAL B 64 -13.02 0.05 -4.63
CA VAL B 64 -13.12 -0.01 -3.18
C VAL B 64 -13.80 -1.31 -2.76
N PHE B 65 -13.24 -1.97 -1.74
CA PHE B 65 -13.76 -3.28 -1.30
C PHE B 65 -14.07 -3.20 0.20
N ARG B 66 -15.07 -3.97 0.65
CA ARG B 66 -15.31 -4.17 2.10
CA ARG B 66 -15.31 -4.17 2.09
C ARG B 66 -15.03 -5.62 2.44
N LYS B 67 -14.38 -5.85 3.58
CA LYS B 67 -14.05 -7.21 3.97
C LYS B 67 -15.30 -7.94 4.44
N ALA B 68 -15.56 -9.09 3.81
CA ALA B 68 -16.72 -9.93 4.11
C ALA B 68 -16.47 -10.85 5.31
N ALA B 69 -17.54 -11.43 5.86
CA ALA B 69 -17.45 -12.34 7.01
C ALA B 69 -16.45 -13.50 6.80
N ASP B 70 -16.31 -13.97 5.57
CA ASP B 70 -15.40 -15.06 5.24
C ASP B 70 -13.97 -14.59 4.88
N ASP B 71 -13.60 -13.39 5.32
CA ASP B 71 -12.26 -12.82 5.11
C ASP B 71 -11.91 -12.47 3.66
N THR B 72 -12.90 -12.53 2.76
CA THR B 72 -12.68 -12.18 1.35
C THR B 72 -13.02 -10.72 1.09
N TRP B 73 -12.52 -10.17 -0.02
CA TRP B 73 -12.73 -8.76 -0.34
C TRP B 73 -13.92 -8.60 -1.26
N GLU B 74 -14.95 -7.95 -0.76
CA GLU B 74 -16.16 -7.73 -1.54
C GLU B 74 -16.12 -6.35 -2.19
N PRO B 75 -16.09 -6.31 -3.52
CA PRO B 75 -16.12 -5.03 -4.23
C PRO B 75 -17.41 -4.31 -3.92
N PHE B 76 -17.40 -3.00 -3.82
N PHE B 76 -17.31 -2.98 -3.83
CA PHE B 76 -18.67 -2.31 -3.75
CA PHE B 76 -18.22 -2.09 -3.08
C PHE B 76 -18.71 -0.96 -4.44
C PHE B 76 -18.52 -0.77 -3.85
N ALA B 77 -17.54 -0.32 -4.62
CA ALA B 77 -17.55 0.96 -5.33
C ALA B 77 -16.30 1.10 -6.21
N SER B 78 -16.39 1.98 -7.20
CA SER B 78 -15.24 2.29 -8.05
C SER B 78 -15.47 3.53 -8.86
N GLY B 79 -14.42 3.97 -9.55
CA GLY B 79 -14.48 5.20 -10.32
C GLY B 79 -13.09 5.53 -10.80
N LYS B 80 -12.98 6.66 -11.49
CA LYS B 80 -11.68 7.20 -11.84
C LYS B 80 -11.57 8.67 -11.50
N THR B 81 -10.35 9.10 -11.23
CA THR B 81 -10.16 10.47 -10.78
C THR B 81 -10.51 11.50 -11.86
N SER B 82 -11.04 12.61 -11.38
CA SER B 82 -11.42 13.76 -12.19
C SER B 82 -10.20 14.56 -12.62
N GLU B 83 -10.45 15.66 -13.34
CA GLU B 83 -9.38 16.59 -13.73
C GLU B 83 -8.63 17.20 -12.55
N SER B 84 -9.24 17.21 -11.37
CA SER B 84 -8.55 17.71 -10.18
C SER B 84 -7.90 16.56 -9.37
N GLY B 85 -7.89 15.37 -9.95
CA GLY B 85 -7.30 14.21 -9.27
C GLY B 85 -8.14 13.63 -8.15
N GLU B 86 -9.44 13.99 -8.12
CA GLU B 86 -10.31 13.57 -7.03
C GLU B 86 -11.40 12.63 -7.47
N LEU B 87 -11.77 11.76 -6.56
CA LEU B 87 -12.89 10.86 -6.78
C LEU B 87 -13.83 10.97 -5.58
N HIS B 88 -15.04 11.48 -5.85
CA HIS B 88 -16.08 11.73 -4.85
C HIS B 88 -17.26 10.78 -5.09
N GLY B 89 -18.23 10.78 -4.17
CA GLY B 89 -19.46 10.05 -4.39
C GLY B 89 -19.33 8.54 -4.42
N LEU B 90 -18.26 8.01 -3.81
CA LEU B 90 -18.06 6.58 -3.73
C LEU B 90 -19.12 5.86 -2.89
N THR B 91 -19.58 6.51 -1.83
CA THR B 91 -20.54 5.90 -0.90
C THR B 91 -21.38 6.96 -0.18
N THR B 92 -22.32 6.51 0.64
CA THR B 92 -23.17 7.37 1.45
C THR B 92 -22.93 7.04 2.92
N GLU B 93 -23.32 7.95 3.79
CA GLU B 93 -23.17 7.69 5.23
C GLU B 93 -23.97 6.50 5.74
N GLU B 94 -25.15 6.22 5.15
CA GLU B 94 -25.94 5.05 5.55
C GLU B 94 -25.21 3.76 5.21
N GLU B 95 -24.62 3.73 4.02
CA GLU B 95 -23.99 2.53 3.47
C GLU B 95 -22.61 2.30 4.05
N PHE B 96 -21.94 3.39 4.40
CA PHE B 96 -20.54 3.33 4.85
C PHE B 96 -20.47 2.99 6.34
N VAL B 97 -20.82 1.75 6.67
CA VAL B 97 -20.82 1.23 8.04
C VAL B 97 -19.42 0.82 8.47
N GLU B 98 -19.22 0.62 9.78
CA GLU B 98 -17.96 0.12 10.30
C GLU B 98 -17.53 -1.12 9.55
N GLY B 99 -16.22 -1.23 9.33
CA GLY B 99 -15.68 -2.44 8.76
C GLY B 99 -14.29 -2.15 8.26
N ILE B 100 -13.69 -3.13 7.62
CA ILE B 100 -12.36 -2.96 7.06
C ILE B 100 -12.56 -2.76 5.56
N TYR B 101 -11.94 -1.69 5.04
CA TYR B 101 -12.09 -1.29 3.66
C TYR B 101 -10.75 -1.27 2.97
N LYS B 102 -10.78 -1.55 1.67
CA LYS B 102 -9.57 -1.51 0.85
C LYS B 102 -9.84 -0.65 -0.37
N VAL B 103 -8.95 0.30 -0.65
CA VAL B 103 -8.98 1.05 -1.90
C VAL B 103 -7.78 0.60 -2.72
N GLU B 104 -8.04 0.06 -3.90
CA GLU B 104 -6.96 -0.43 -4.77
C GLU B 104 -6.85 0.52 -5.94
N ILE B 105 -5.73 1.25 -6.03
CA ILE B 105 -5.59 2.30 -7.05
C ILE B 105 -4.74 1.75 -8.19
N ASP B 106 -5.21 1.85 -9.44
CA ASP B 106 -4.47 1.26 -10.57
C ASP B 106 -3.37 2.24 -11.06
N THR B 107 -2.27 2.27 -10.32
CA THR B 107 -1.18 3.17 -10.61
C THR B 107 -0.38 2.67 -11.81
N LYS B 108 -0.36 1.35 -12.00
CA LYS B 108 0.45 0.80 -13.11
C LYS B 108 -0.06 1.33 -14.43
N SER B 109 -1.39 1.32 -14.62
CA SER B 109 -2.00 1.81 -15.88
C SER B 109 -1.74 3.29 -16.07
N TYR B 110 -1.74 4.03 -14.97
CA TYR B 110 -1.43 5.45 -15.03
C TYR B 110 -0.04 5.69 -15.61
N TRP B 111 0.98 5.00 -15.08
CA TRP B 111 2.33 5.27 -15.53
C TRP B 111 2.52 4.72 -16.96
N LYS B 112 1.84 3.63 -17.28
CA LYS B 112 1.92 3.05 -18.63
C LYS B 112 1.39 4.05 -19.68
N ALA B 113 0.29 4.71 -19.35
CA ALA B 113 -0.31 5.71 -20.26
C ALA B 113 0.65 6.88 -20.52
N LEU B 114 1.59 7.10 -19.59
CA LEU B 114 2.57 8.17 -19.70
C LEU B 114 3.90 7.68 -20.30
N GLY B 115 3.97 6.39 -20.62
CA GLY B 115 5.20 5.81 -21.18
C GLY B 115 6.34 5.66 -20.18
N ILE B 116 5.99 5.52 -18.90
CA ILE B 116 6.97 5.41 -17.82
C ILE B 116 6.85 4.02 -17.18
N SER B 117 7.96 3.32 -17.03
CA SER B 117 7.92 1.96 -16.48
C SER B 117 7.80 2.04 -14.94
N PRO B 118 6.68 1.52 -14.36
CA PRO B 118 6.52 1.65 -12.91
C PRO B 118 6.95 0.43 -12.11
N PHE B 119 7.20 0.63 -10.83
CA PHE B 119 7.58 -0.48 -9.98
C PHE B 119 6.37 -1.27 -9.50
N HIS B 120 5.37 -0.54 -8.97
CA HIS B 120 4.25 -1.20 -8.33
C HIS B 120 3.15 -1.67 -9.26
N GLU B 121 2.52 -2.78 -8.90
CA GLU B 121 1.36 -3.28 -9.67
C GLU B 121 0.15 -2.39 -9.47
N HIS B 122 0.04 -1.84 -8.26
CA HIS B 122 -1.02 -0.93 -7.85
C HIS B 122 -0.66 -0.37 -6.48
N ALA B 123 -1.48 0.56 -5.98
CA ALA B 123 -1.28 1.06 -4.63
C ALA B 123 -2.54 0.70 -3.87
N GLU B 124 -2.39 0.15 -2.65
CA GLU B 124 -3.52 -0.27 -1.84
C GLU B 124 -3.58 0.62 -0.61
N VAL B 125 -4.79 0.87 -0.12
CA VAL B 125 -4.94 1.51 1.17
C VAL B 125 -5.97 0.64 1.91
N VAL B 126 -5.57 0.02 3.04
CA VAL B 126 -6.47 -0.81 3.83
C VAL B 126 -6.63 -0.22 5.23
N PHE B 127 -7.88 0.03 5.65
CA PHE B 127 -8.14 0.71 6.92
C PHE B 127 -9.45 0.29 7.54
N THR B 128 -9.55 0.40 8.86
CA THR B 128 -10.85 0.22 9.53
C THR B 128 -11.55 1.54 9.58
N ALA B 129 -12.82 1.55 9.17
CA ALA B 129 -13.60 2.77 9.15
C ALA B 129 -14.56 2.81 10.31
N ASN B 130 -14.71 4.02 10.84
CA ASN B 130 -15.82 4.40 11.72
C ASN B 130 -15.79 3.77 13.11
N ASP B 131 -14.62 3.28 13.52
CA ASP B 131 -14.41 2.66 14.84
C ASP B 131 -15.14 3.31 16.03
N SER B 132 -15.39 4.62 15.95
CA SER B 132 -16.09 5.32 17.02
C SER B 132 -16.98 6.41 16.44
N GLY B 133 -17.89 6.01 15.57
CA GLY B 133 -18.78 6.94 14.91
C GLY B 133 -18.31 7.23 13.50
N PRO B 134 -19.24 7.66 12.61
CA PRO B 134 -18.89 8.05 11.24
C PRO B 134 -17.99 9.28 11.17
N ARG B 135 -16.97 9.16 10.33
CA ARG B 135 -16.04 10.23 10.08
C ARG B 135 -16.03 10.49 8.59
N ARG B 136 -15.62 11.69 8.19
CA ARG B 136 -15.32 11.92 6.77
C ARG B 136 -13.85 11.56 6.58
N TYR B 137 -13.57 10.78 5.54
CA TYR B 137 -12.22 10.28 5.26
C TYR B 137 -11.79 10.89 3.94
N THR B 138 -10.64 11.56 3.94
CA THR B 138 -9.98 11.88 2.70
C THR B 138 -8.69 11.05 2.65
N ILE B 139 -8.52 10.30 1.57
CA ILE B 139 -7.30 9.50 1.42
C ILE B 139 -6.52 10.15 0.32
N ALA B 140 -5.30 10.56 0.59
CA ALA B 140 -4.55 11.23 -0.46
C ALA B 140 -3.36 10.36 -0.82
N ALA B 141 -3.15 10.15 -2.11
CA ALA B 141 -2.05 9.32 -2.58
C ALA B 141 -1.14 10.14 -3.49
N LEU B 142 0.17 10.07 -3.24
CA LEU B 142 1.16 10.75 -4.08
C LEU B 142 1.97 9.69 -4.80
N LEU B 143 2.08 9.82 -6.10
CA LEU B 143 2.65 8.77 -6.96
C LEU B 143 3.97 9.19 -7.59
N SER B 144 4.95 8.29 -7.49
CA SER B 144 6.15 8.33 -8.33
C SER B 144 6.36 6.94 -8.93
N PRO B 145 7.22 6.85 -9.98
CA PRO B 145 7.32 5.54 -10.62
C PRO B 145 7.77 4.42 -9.69
N TYR B 146 8.65 4.74 -8.74
CA TYR B 146 9.14 3.73 -7.81
C TYR B 146 8.72 3.94 -6.36
N SER B 147 7.71 4.79 -6.13
CA SER B 147 7.33 5.13 -4.78
CA SER B 147 7.32 5.16 -4.78
C SER B 147 5.86 5.53 -4.71
N TYR B 148 5.25 5.27 -3.57
CA TYR B 148 3.98 5.93 -3.35
C TYR B 148 3.80 6.17 -1.88
N SER B 149 3.01 7.19 -1.58
CA SER B 149 2.74 7.57 -0.21
CA SER B 149 2.73 7.54 -0.20
C SER B 149 1.24 7.76 -0.08
N THR B 150 0.69 7.43 1.08
CA THR B 150 -0.71 7.70 1.32
CA THR B 150 -0.73 7.63 1.32
C THR B 150 -0.89 8.25 2.70
N THR B 151 -1.81 9.19 2.83
CA THR B 151 -2.07 9.88 4.04
CA THR B 151 -2.12 9.74 4.14
C THR B 151 -3.60 9.91 4.20
N ALA B 152 -4.09 9.87 5.43
CA ALA B 152 -5.51 10.04 5.64
C ALA B 152 -5.75 11.30 6.46
N VAL B 153 -6.75 12.06 6.03
CA VAL B 153 -7.27 13.17 6.82
C VAL B 153 -8.68 12.75 7.26
N VAL B 154 -8.88 12.63 8.58
CA VAL B 154 -10.09 12.05 9.09
C VAL B 154 -10.71 13.15 9.92
N THR B 155 -11.90 13.60 9.52
CA THR B 155 -12.52 14.74 10.23
C THR B 155 -13.92 14.43 10.77
N ASN B 156 -14.40 15.32 11.64
CA ASN B 156 -15.65 15.12 12.38
C ASN B 156 -16.54 16.36 12.24
CAA PWK C . 18.89 4.21 9.36
OAO PWK C . 19.53 4.96 8.33
CAU PWK C . 19.17 4.51 7.10
CAK PWK C . 17.89 4.70 6.58
CAS PWK C . 20.15 3.82 6.37
OAE PWK C . 21.36 3.68 6.95
CAI PWK C . 19.85 3.31 5.12
CAG PWK C . 18.57 3.50 4.59
CAQ PWK C . 17.60 4.19 5.32
CAM PWK C . 16.33 4.35 4.76
CAW PWK C . 16.12 5.81 4.39
CAC PWK C . 16.71 6.05 3.01
CAX PWK C . 14.62 6.18 4.38
CAD PWK C . 13.76 4.92 4.35
CAN PWK C . 14.37 7.03 3.14
CAR PWK C . 13.12 7.66 3.12
CAL PWK C . 12.02 6.97 2.66
CAH PWK C . 13.00 9.00 3.52
CAJ PWK C . 11.75 9.62 3.47
CAT PWK C . 10.65 8.91 3.02
OAF PWK C . 9.41 9.44 2.95
CAV PWK C . 10.78 7.58 2.62
OAP PWK C . 9.65 6.95 2.18
CAB PWK C . 9.85 5.54 1.97
CAA PWK D . 3.79 10.17 3.63
OAO PWK D . 4.73 10.47 2.62
CAU PWK D . 4.48 11.60 1.93
CAK PWK D . 3.27 12.31 2.00
CAS PWK D . 5.50 12.04 1.13
OAE PWK D . 6.63 11.28 1.13
CAI PWK D . 5.36 13.21 0.37
CAG PWK D . 4.16 13.92 0.45
CAQ PWK D . 3.12 13.47 1.26
CAM PWK D . 1.90 14.18 1.32
CAW PWK D . 0.95 13.47 0.32
CAC PWK D . 0.76 12.00 0.75
CAX PWK D . -0.42 14.14 0.15
CAD PWK D . -0.94 13.78 -1.24
CAN PWK D . -0.39 15.68 0.27
CAR PWK D . -1.70 16.21 0.11
CAL PWK D . -1.97 17.18 -0.87
CAH PWK D . -2.73 15.77 0.95
CAJ PWK D . -4.02 16.28 0.81
CAT PWK D . -4.28 17.24 -0.17
OAF PWK D . -5.51 17.80 -0.37
CAV PWK D . -3.26 17.69 -0.99
OAP PWK D . -3.62 18.62 -1.92
CAB PWK D . -2.46 19.15 -2.57
#